data_2LL9
#
_entry.id   2LL9
#
loop_
_entity.id
_entity.type
_entity.pdbx_description
1 polymer "DNA (5'-D(*CP*GP*TP*CP*GP*TP*AP*GP*TP*GP*C)-3')"
2 polymer "DNA (5'-D(*GP*CP*AP*CP*TP*TP*CP*GP*AP*CP*G)-3')"
#
loop_
_entity_poly.entity_id
_entity_poly.type
_entity_poly.pdbx_seq_one_letter_code
_entity_poly.pdbx_strand_id
1 'polydeoxyribonucleotide' (DC)(DG)(DT)(DC)(DG)(DT)(DA)(DG)(DT)(DG)(DC) A
2 'polydeoxyribonucleotide' (DG)(DC)(DA)(DC)(DT)(DT)(DC)(DG)(DA)(DC)(DG) B
#
loop_
_chem_comp.id
_chem_comp.type
_chem_comp.name
_chem_comp.formula
DA DNA linking 2'-DEOXYADENOSINE-5'-MONOPHOSPHATE 'C10 H14 N5 O6 P'
DC DNA linking 2'-DEOXYCYTIDINE-5'-MONOPHOSPHATE 'C9 H14 N3 O7 P'
DG DNA linking 2'-DEOXYGUANOSINE-5'-MONOPHOSPHATE 'C10 H14 N5 O7 P'
DT DNA linking THYMIDINE-5'-MONOPHOSPHATE 'C10 H15 N2 O8 P'
#